data_6L4O
#
_entry.id   6L4O
#
_cell.length_a   46.862
_cell.length_b   76.523
_cell.length_c   208.158
_cell.angle_alpha   90.000
_cell.angle_beta   90.000
_cell.angle_gamma   90.000
#
_symmetry.space_group_name_H-M   'P 21 21 21'
#
loop_
_entity.id
_entity.type
_entity.pdbx_description
1 polymer 'Apoptosis inhibitor 5'
2 polymer 'Fibroblast growth factor 2'
3 water water
#
loop_
_entity_poly.entity_id
_entity_poly.type
_entity_poly.pdbx_seq_one_letter_code
_entity_poly.pdbx_strand_id
1 'polypeptide(L)'
;MGSSHHHHHHSSGLVPRGSHMPTVEELYRNYGILADATEQVGQHKDAYQVILDGVKGGTKEKRLAAQFIPKFFKHFPELA
DSAINAQLDLCEDEDVSIRRQAIKELPQFATGENLPRVADILTQLLQTDDSAEFNLVNNALLSIFKMDAKGTLGGLFSQI
LQGEDIVRERAIKFLSTKLKTLPDEVLTKEVEELILTESKKVLEDVTGEEFVLFMKILSGLKSLQTVSGRQQLVELVAEQ
ADLEQTFNPSDPDCVDRLLQCTRQAVPLFSKNVHSTRFVTYFCEQVLPNLGTLTTPVEGLDIQLEVLKLLAEMSSFCGDM
EKLETNLRKLFDKLLEYMPLPPEEAENGENAGNEEPKLQFSYVECLLYSFHQLGRKLPDFLTAKLNAEKLKDFKIRLQYF
ARGLQVYIRQLRLALQGKTGEALKTEENKIKVVALKITNNINVLIKDLFHIPPSYKSTVTLSWKPVQKVEIGQKRASEDT
TSGSPPKKSSAGPKRDARQIYNPPSGKYSSNLGNFNYEQRGAFRGSRGGRGWGTRGNRSRGRLY
;
A
2 'polypeptide(L)'
;MHHHHHHGSLVPRSENLYFQGSAAGSITTLPALPEDGGSGAFPPGHFKDPKRLYCKNGGFFLRIHPDGRVDGVREKSDPH
IKLQLQAEERGVVSIKGVSANRYLAMKEDGRLLASKSVTDECFFFERLESNNYNTYRSRKYTSWYVALKRTGQYKLGSKT
GPGQKAILFLPMSAKS
;
B
#
# COMPACT_ATOMS: atom_id res chain seq x y z
N PRO A 22 -43.27 -27.72 12.54
CA PRO A 22 -43.08 -27.18 11.17
C PRO A 22 -42.48 -28.21 10.22
N THR A 23 -43.26 -28.65 9.25
CA THR A 23 -42.84 -29.62 8.25
C THR A 23 -42.97 -29.02 6.85
N VAL A 24 -42.51 -29.77 5.86
CA VAL A 24 -42.53 -29.29 4.48
C VAL A 24 -43.96 -29.14 3.98
N GLU A 25 -44.89 -29.93 4.52
CA GLU A 25 -46.27 -29.84 4.09
C GLU A 25 -46.89 -28.50 4.50
N GLU A 26 -46.68 -28.10 5.76
CA GLU A 26 -47.25 -26.85 6.24
C GLU A 26 -46.62 -25.63 5.56
N LEU A 27 -45.32 -25.72 5.24
CA LEU A 27 -44.64 -24.60 4.60
C LEU A 27 -45.15 -24.38 3.18
N TYR A 28 -45.36 -25.48 2.43
CA TYR A 28 -45.89 -25.36 1.08
C TYR A 28 -47.31 -24.81 1.09
N ARG A 29 -48.12 -25.22 2.07
CA ARG A 29 -49.49 -24.73 2.14
C ARG A 29 -49.54 -23.25 2.48
N ASN A 30 -48.68 -22.80 3.40
CA ASN A 30 -48.64 -21.38 3.74
C ASN A 30 -48.01 -20.55 2.63
N TYR A 31 -47.13 -21.16 1.83
CA TYR A 31 -46.61 -20.47 0.65
C TYR A 31 -47.73 -20.14 -0.31
N GLY A 32 -48.66 -21.08 -0.52
CA GLY A 32 -49.80 -20.81 -1.38
C GLY A 32 -50.75 -19.78 -0.80
N ILE A 33 -50.86 -19.73 0.52
CA ILE A 33 -51.69 -18.72 1.16
C ILE A 33 -51.14 -17.32 0.86
N LEU A 34 -49.82 -17.16 0.96
CA LEU A 34 -49.21 -15.87 0.70
C LEU A 34 -49.11 -15.57 -0.80
N ALA A 35 -49.03 -16.61 -1.63
CA ALA A 35 -48.93 -16.40 -3.07
C ALA A 35 -50.29 -16.08 -3.69
N ASP A 36 -51.31 -16.86 -3.34
CA ASP A 36 -52.66 -16.67 -3.88
C ASP A 36 -53.43 -15.56 -3.19
N ALA A 37 -52.80 -14.81 -2.28
CA ALA A 37 -53.49 -13.74 -1.57
C ALA A 37 -53.67 -12.48 -2.42
N THR A 38 -53.11 -12.46 -3.63
CA THR A 38 -53.21 -11.32 -4.54
C THR A 38 -52.70 -10.05 -3.87
N GLU A 39 -53.61 -9.13 -3.53
CA GLU A 39 -53.25 -7.91 -2.83
C GLU A 39 -53.58 -7.96 -1.34
N GLN A 40 -54.26 -9.02 -0.88
CA GLN A 40 -54.58 -9.21 0.53
C GLN A 40 -53.51 -10.04 1.23
N VAL A 41 -52.25 -9.66 1.06
CA VAL A 41 -51.14 -10.44 1.59
C VAL A 41 -50.81 -10.03 3.02
N GLY A 42 -50.81 -8.73 3.31
CA GLY A 42 -50.42 -8.24 4.62
C GLY A 42 -51.30 -8.69 5.77
N GLN A 43 -52.47 -9.26 5.48
CA GLN A 43 -53.37 -9.73 6.53
C GLN A 43 -53.09 -11.16 6.95
N HIS A 44 -52.36 -11.93 6.14
CA HIS A 44 -52.01 -13.31 6.50
C HIS A 44 -50.67 -13.36 7.22
N LYS A 45 -50.55 -12.58 8.30
CA LYS A 45 -49.31 -12.56 9.08
C LYS A 45 -49.07 -13.89 9.77
N ASP A 46 -50.13 -14.64 10.05
CA ASP A 46 -49.97 -15.95 10.68
C ASP A 46 -49.30 -16.94 9.74
N ALA A 47 -49.62 -16.87 8.45
CA ALA A 47 -49.00 -17.78 7.48
C ALA A 47 -47.51 -17.47 7.32
N TYR A 48 -47.15 -16.19 7.32
CA TYR A 48 -45.74 -15.83 7.23
C TYR A 48 -44.98 -16.20 8.51
N GLN A 49 -45.67 -16.21 9.65
CA GLN A 49 -45.03 -16.63 10.89
C GLN A 49 -44.68 -18.11 10.86
N VAL A 50 -45.53 -18.93 10.23
CA VAL A 50 -45.23 -20.35 10.08
C VAL A 50 -43.98 -20.54 9.25
N ILE A 51 -43.81 -19.73 8.21
CA ILE A 51 -42.61 -19.80 7.40
C ILE A 51 -41.38 -19.37 8.20
N LEU A 52 -41.53 -18.31 9.00
CA LEU A 52 -40.42 -17.86 9.83
C LEU A 52 -39.98 -18.94 10.82
N ASP A 53 -40.94 -19.70 11.35
CA ASP A 53 -40.62 -20.81 12.23
C ASP A 53 -39.99 -21.99 11.51
N GLY A 54 -39.87 -21.93 10.18
CA GLY A 54 -39.25 -23.02 9.44
C GLY A 54 -37.78 -23.19 9.71
N VAL A 55 -37.12 -22.18 10.27
CA VAL A 55 -35.71 -22.31 10.62
C VAL A 55 -35.50 -23.29 11.76
N LYS A 56 -36.53 -23.52 12.58
CA LYS A 56 -36.44 -24.48 13.67
C LYS A 56 -36.53 -25.92 13.18
N GLY A 57 -36.98 -26.14 11.95
CA GLY A 57 -37.11 -27.47 11.41
C GLY A 57 -35.78 -28.06 10.99
N GLY A 58 -35.87 -29.16 10.25
CA GLY A 58 -34.69 -29.88 9.78
C GLY A 58 -34.12 -29.32 8.50
N THR A 59 -33.41 -30.18 7.77
CA THR A 59 -32.74 -29.77 6.54
C THR A 59 -33.76 -29.34 5.48
N LYS A 60 -34.72 -30.21 5.17
CA LYS A 60 -35.72 -29.89 4.16
C LYS A 60 -36.58 -28.71 4.58
N GLU A 61 -36.81 -28.53 5.88
CA GLU A 61 -37.61 -27.41 6.34
C GLU A 61 -36.84 -26.10 6.21
N LYS A 62 -35.55 -26.12 6.50
CA LYS A 62 -34.74 -24.89 6.41
C LYS A 62 -34.42 -24.52 4.98
N ARG A 63 -34.27 -25.51 4.08
CA ARG A 63 -34.00 -25.19 2.68
C ARG A 63 -35.18 -24.48 2.04
N LEU A 64 -36.40 -24.69 2.55
CA LEU A 64 -37.56 -23.94 2.07
C LEU A 64 -37.67 -22.58 2.74
N ALA A 65 -37.28 -22.47 4.01
CA ALA A 65 -37.35 -21.18 4.70
C ALA A 65 -36.38 -20.17 4.10
N ALA A 66 -35.23 -20.63 3.60
CA ALA A 66 -34.28 -19.72 2.96
C ALA A 66 -34.83 -19.10 1.70
N GLN A 67 -35.85 -19.71 1.09
CA GLN A 67 -36.49 -19.18 -0.11
C GLN A 67 -37.75 -18.37 0.20
N PHE A 68 -38.55 -18.82 1.17
CA PHE A 68 -39.86 -18.22 1.38
C PHE A 68 -39.81 -16.98 2.25
N ILE A 69 -38.89 -16.94 3.22
CA ILE A 69 -38.75 -15.75 4.06
C ILE A 69 -38.42 -14.50 3.26
N PRO A 70 -37.43 -14.50 2.35
CA PRO A 70 -37.15 -13.27 1.59
C PRO A 70 -38.19 -12.95 0.54
N LYS A 71 -38.94 -13.94 0.04
CA LYS A 71 -39.89 -13.68 -1.03
C LYS A 71 -41.04 -12.80 -0.56
N PHE A 72 -41.55 -13.04 0.66
CA PHE A 72 -42.65 -12.27 1.21
C PHE A 72 -42.21 -11.30 2.29
N PHE A 73 -40.90 -11.03 2.40
CA PHE A 73 -40.41 -10.08 3.40
C PHE A 73 -40.93 -8.68 3.14
N LYS A 74 -41.15 -8.33 1.88
CA LYS A 74 -41.60 -6.99 1.52
C LYS A 74 -43.04 -6.70 1.93
N HIS A 75 -43.79 -7.71 2.36
CA HIS A 75 -45.19 -7.52 2.73
C HIS A 75 -45.41 -7.49 4.24
N PHE A 76 -44.36 -7.59 5.04
CA PHE A 76 -44.48 -7.60 6.50
C PHE A 76 -43.34 -6.81 7.12
N PRO A 77 -43.44 -5.48 7.11
CA PRO A 77 -42.42 -4.68 7.80
C PRO A 77 -42.45 -4.81 9.31
N GLU A 78 -43.60 -5.17 9.90
CA GLU A 78 -43.70 -5.33 11.34
C GLU A 78 -42.96 -6.56 11.84
N LEU A 79 -42.43 -7.40 10.95
CA LEU A 79 -41.66 -8.58 11.32
C LEU A 79 -40.26 -8.52 10.71
N ALA A 80 -39.74 -7.32 10.51
CA ALA A 80 -38.46 -7.16 9.82
C ALA A 80 -37.31 -7.74 10.64
N ASP A 81 -37.25 -7.42 11.93
CA ASP A 81 -36.14 -7.89 12.75
C ASP A 81 -36.15 -9.40 12.90
N SER A 82 -37.35 -9.99 13.07
CA SER A 82 -37.44 -11.44 13.22
C SER A 82 -37.12 -12.16 11.91
N ALA A 83 -37.48 -11.57 10.77
CA ALA A 83 -37.20 -12.20 9.48
C ALA A 83 -35.71 -12.15 9.15
N ILE A 84 -35.08 -10.99 9.37
CA ILE A 84 -33.65 -10.87 9.11
C ILE A 84 -32.86 -11.78 10.04
N ASN A 85 -33.29 -11.90 11.30
CA ASN A 85 -32.65 -12.83 12.22
C ASN A 85 -32.86 -14.27 11.78
N ALA A 86 -34.04 -14.59 11.27
CA ALA A 86 -34.30 -15.95 10.80
C ALA A 86 -33.40 -16.30 9.61
N GLN A 87 -33.21 -15.35 8.70
CA GLN A 87 -32.32 -15.60 7.57
C GLN A 87 -30.86 -15.64 8.02
N LEU A 88 -30.49 -14.83 9.02
CA LEU A 88 -29.12 -14.83 9.51
C LEU A 88 -28.76 -16.16 10.16
N ASP A 89 -29.71 -16.80 10.84
CA ASP A 89 -29.47 -18.13 11.38
C ASP A 89 -29.20 -19.13 10.26
N LEU A 90 -29.87 -18.98 9.13
CA LEU A 90 -29.62 -19.85 8.00
C LEU A 90 -28.27 -19.57 7.36
N CYS A 91 -27.82 -18.31 7.42
CA CYS A 91 -26.50 -17.97 6.88
C CYS A 91 -25.36 -18.55 7.72
N GLU A 92 -25.64 -18.91 8.97
CA GLU A 92 -24.64 -19.50 9.85
C GLU A 92 -24.93 -20.96 10.17
N ASP A 93 -25.77 -21.61 9.37
CA ASP A 93 -26.05 -23.02 9.54
C ASP A 93 -24.82 -23.85 9.20
N GLU A 94 -24.74 -25.05 9.78
CA GLU A 94 -23.59 -25.90 9.54
C GLU A 94 -23.54 -26.41 8.11
N ASP A 95 -24.71 -26.71 7.53
CA ASP A 95 -24.76 -27.19 6.15
C ASP A 95 -24.48 -26.03 5.20
N VAL A 96 -23.47 -26.21 4.34
CA VAL A 96 -23.10 -25.15 3.41
C VAL A 96 -24.17 -24.93 2.36
N SER A 97 -24.91 -25.98 2.00
CA SER A 97 -25.98 -25.82 1.02
C SER A 97 -27.12 -24.97 1.57
N ILE A 98 -27.31 -24.98 2.89
CA ILE A 98 -28.31 -24.12 3.50
C ILE A 98 -27.84 -22.67 3.50
N ARG A 99 -26.55 -22.44 3.76
CA ARG A 99 -26.01 -21.09 3.75
C ARG A 99 -26.08 -20.49 2.34
N ARG A 100 -25.75 -21.28 1.32
CA ARG A 100 -25.79 -20.77 -0.05
C ARG A 100 -27.20 -20.38 -0.46
N GLN A 101 -28.21 -21.11 0.02
CA GLN A 101 -29.60 -20.77 -0.30
C GLN A 101 -30.02 -19.48 0.37
N ALA A 102 -29.45 -19.16 1.54
CA ALA A 102 -29.83 -17.98 2.30
C ALA A 102 -29.03 -16.74 1.92
N ILE A 103 -27.73 -16.91 1.65
CA ILE A 103 -26.89 -15.77 1.30
C ILE A 103 -27.31 -15.17 -0.03
N LYS A 104 -27.77 -16.01 -0.96
CA LYS A 104 -28.17 -15.51 -2.27
C LYS A 104 -29.35 -14.54 -2.18
N GLU A 105 -30.22 -14.73 -1.19
CA GLU A 105 -31.43 -13.93 -1.05
C GLU A 105 -31.28 -12.82 -0.03
N LEU A 106 -30.08 -12.56 0.46
CA LEU A 106 -29.88 -11.48 1.43
C LEU A 106 -30.17 -10.09 0.87
N PRO A 107 -29.85 -9.75 -0.39
CA PRO A 107 -30.20 -8.40 -0.88
C PRO A 107 -31.67 -8.08 -0.82
N GLN A 108 -32.55 -9.08 -0.72
CA GLN A 108 -33.98 -8.82 -0.57
C GLN A 108 -34.28 -8.11 0.74
N PHE A 109 -33.44 -8.31 1.77
CA PHE A 109 -33.65 -7.72 3.08
C PHE A 109 -33.06 -6.32 3.20
N ALA A 110 -32.23 -5.89 2.25
CA ALA A 110 -31.56 -4.60 2.36
C ALA A 110 -32.46 -3.46 1.93
N THR A 111 -33.66 -3.38 2.49
CA THR A 111 -34.61 -2.33 2.18
C THR A 111 -34.76 -1.41 3.39
N GLY A 112 -34.59 -0.11 3.16
CA GLY A 112 -34.75 0.84 4.24
C GLY A 112 -33.55 0.84 5.16
N GLU A 113 -33.81 0.81 6.46
CA GLU A 113 -32.77 0.90 7.48
C GLU A 113 -31.99 -0.40 7.65
N ASN A 114 -32.28 -1.43 6.85
CA ASN A 114 -31.66 -2.73 7.03
C ASN A 114 -30.41 -2.95 6.18
N LEU A 115 -30.14 -2.05 5.23
CA LEU A 115 -29.00 -2.29 4.34
C LEU A 115 -27.66 -2.26 5.06
N PRO A 116 -27.36 -1.28 5.92
CA PRO A 116 -26.04 -1.32 6.60
C PRO A 116 -25.85 -2.57 7.46
N ARG A 117 -26.92 -3.16 7.98
CA ARG A 117 -26.77 -4.41 8.71
C ARG A 117 -26.48 -5.57 7.77
N VAL A 118 -27.13 -5.60 6.61
CA VAL A 118 -26.86 -6.64 5.62
C VAL A 118 -25.45 -6.49 5.06
N ALA A 119 -25.00 -5.24 4.88
CA ALA A 119 -23.65 -5.01 4.38
C ALA A 119 -22.61 -5.53 5.37
N ASP A 120 -22.86 -5.37 6.67
CA ASP A 120 -21.94 -5.88 7.68
C ASP A 120 -21.91 -7.41 7.68
N ILE A 121 -23.07 -8.04 7.51
CA ILE A 121 -23.12 -9.49 7.49
C ILE A 121 -22.43 -10.04 6.25
N LEU A 122 -22.67 -9.41 5.10
CA LEU A 122 -22.04 -9.89 3.86
C LEU A 122 -20.53 -9.69 3.89
N THR A 123 -20.06 -8.56 4.41
CA THR A 123 -18.63 -8.36 4.56
C THR A 123 -18.02 -9.37 5.51
N GLN A 124 -18.74 -9.70 6.59
CA GLN A 124 -18.30 -10.75 7.50
C GLN A 124 -18.22 -12.10 6.81
N LEU A 125 -19.13 -12.36 5.87
CA LEU A 125 -19.20 -13.65 5.18
C LEU A 125 -18.16 -13.81 4.09
N LEU A 126 -17.35 -12.78 3.81
CA LEU A 126 -16.32 -12.90 2.79
C LEU A 126 -15.21 -13.88 3.19
N GLN A 127 -15.12 -14.23 4.46
CA GLN A 127 -14.06 -15.12 4.93
C GLN A 127 -14.34 -16.58 4.68
N THR A 128 -15.45 -16.92 4.02
CA THR A 128 -15.74 -18.32 3.69
C THR A 128 -14.73 -18.84 2.68
N ASP A 129 -14.46 -20.14 2.76
CA ASP A 129 -13.50 -20.80 1.87
C ASP A 129 -14.16 -21.76 0.90
N ASP A 130 -15.50 -21.75 0.82
CA ASP A 130 -16.22 -22.51 -0.19
C ASP A 130 -16.36 -21.66 -1.43
N SER A 131 -15.86 -22.16 -2.57
CA SER A 131 -15.85 -21.37 -3.79
C SER A 131 -17.26 -21.01 -4.24
N ALA A 132 -18.21 -21.93 -4.07
CA ALA A 132 -19.60 -21.63 -4.43
C ALA A 132 -20.21 -20.59 -3.51
N GLU A 133 -19.99 -20.72 -2.20
CA GLU A 133 -20.50 -19.74 -1.26
C GLU A 133 -19.79 -18.40 -1.42
N PHE A 134 -18.50 -18.43 -1.74
CA PHE A 134 -17.74 -17.19 -1.89
C PHE A 134 -18.28 -16.36 -3.04
N ASN A 135 -18.69 -17.00 -4.14
CA ASN A 135 -19.25 -16.27 -5.27
C ASN A 135 -20.59 -15.64 -4.92
N LEU A 136 -21.42 -16.36 -4.15
CA LEU A 136 -22.73 -15.82 -3.79
C LEU A 136 -22.61 -14.63 -2.86
N VAL A 137 -21.60 -14.60 -2.00
CA VAL A 137 -21.38 -13.45 -1.14
C VAL A 137 -20.95 -12.24 -1.98
N ASN A 138 -20.12 -12.46 -2.99
CA ASN A 138 -19.68 -11.36 -3.85
C ASN A 138 -20.85 -10.82 -4.68
N ASN A 139 -21.71 -11.70 -5.19
CA ASN A 139 -22.86 -11.25 -5.96
C ASN A 139 -23.86 -10.50 -5.09
N ALA A 140 -24.02 -10.92 -3.83
CA ALA A 140 -24.93 -10.21 -2.94
C ALA A 140 -24.37 -8.85 -2.54
N LEU A 141 -23.05 -8.76 -2.34
CA LEU A 141 -22.42 -7.47 -2.08
C LEU A 141 -22.59 -6.53 -3.26
N LEU A 142 -22.36 -7.03 -4.47
CA LEU A 142 -22.55 -6.22 -5.67
C LEU A 142 -24.02 -5.86 -5.88
N SER A 143 -24.93 -6.70 -5.38
CA SER A 143 -26.35 -6.41 -5.53
C SER A 143 -26.76 -5.22 -4.68
N ILE A 144 -26.44 -5.26 -3.38
CA ILE A 144 -26.75 -4.12 -2.52
C ILE A 144 -25.87 -2.92 -2.86
N PHE A 145 -24.75 -3.13 -3.55
CA PHE A 145 -23.95 -2.02 -4.03
C PHE A 145 -24.71 -1.20 -5.05
N LYS A 146 -25.39 -1.87 -5.99
CA LYS A 146 -26.23 -1.15 -6.95
C LYS A 146 -27.42 -0.50 -6.26
N MET A 147 -27.86 -1.04 -5.11
CA MET A 147 -28.96 -0.45 -4.37
C MET A 147 -28.50 0.81 -3.64
N ASP A 148 -27.62 0.66 -2.66
CA ASP A 148 -27.08 1.77 -1.88
C ASP A 148 -25.57 1.64 -1.87
N ALA A 149 -24.90 2.36 -2.76
CA ALA A 149 -23.44 2.27 -2.86
C ALA A 149 -22.76 2.78 -1.59
N LYS A 150 -23.22 3.92 -1.07
CA LYS A 150 -22.62 4.49 0.13
C LYS A 150 -22.82 3.58 1.33
N GLY A 151 -23.99 2.96 1.42
CA GLY A 151 -24.26 2.09 2.56
C GLY A 151 -23.41 0.83 2.55
N THR A 152 -23.19 0.24 1.37
CA THR A 152 -22.37 -0.95 1.28
C THR A 152 -20.90 -0.63 1.56
N LEU A 153 -20.44 0.53 1.11
CA LEU A 153 -19.05 0.92 1.37
C LEU A 153 -18.81 1.11 2.87
N GLY A 154 -19.81 1.64 3.58
CA GLY A 154 -19.67 1.79 5.02
C GLY A 154 -19.51 0.45 5.72
N GLY A 155 -20.23 -0.57 5.25
CA GLY A 155 -20.09 -1.90 5.79
C GLY A 155 -18.79 -2.58 5.44
N LEU A 156 -18.16 -2.18 4.33
CA LEU A 156 -16.87 -2.73 3.92
C LEU A 156 -15.71 -2.02 4.60
N PHE A 157 -15.72 -0.68 4.63
CA PHE A 157 -14.59 0.05 5.17
C PHE A 157 -14.53 -0.01 6.69
N SER A 158 -15.68 -0.08 7.37
CA SER A 158 -15.67 -0.19 8.81
C SER A 158 -15.04 -1.51 9.26
N GLN A 159 -15.14 -2.56 8.43
CA GLN A 159 -14.45 -3.81 8.72
C GLN A 159 -12.97 -3.73 8.36
N ILE A 160 -12.62 -2.95 7.34
CA ILE A 160 -11.21 -2.75 7.01
C ILE A 160 -10.51 -1.95 8.09
N LEU A 161 -11.23 -0.99 8.69
CA LEU A 161 -10.65 -0.13 9.71
C LEU A 161 -10.67 -0.75 11.11
N GLN A 162 -11.58 -1.69 11.36
CA GLN A 162 -11.72 -2.23 12.72
C GLN A 162 -11.84 -3.74 12.80
N GLY A 163 -12.24 -4.44 11.75
CA GLY A 163 -12.46 -5.87 11.83
C GLY A 163 -11.16 -6.66 11.90
N GLU A 164 -11.31 -7.98 11.92
CA GLU A 164 -10.17 -8.88 12.00
C GLU A 164 -9.33 -8.77 10.73
N ASP A 165 -8.11 -9.33 10.81
CA ASP A 165 -7.20 -9.28 9.66
C ASP A 165 -7.74 -10.09 8.47
N ILE A 166 -8.49 -11.15 8.73
CA ILE A 166 -9.02 -11.97 7.64
C ILE A 166 -10.13 -11.22 6.91
N VAL A 167 -10.96 -10.47 7.65
CA VAL A 167 -12.03 -9.70 7.01
C VAL A 167 -11.45 -8.50 6.27
N ARG A 168 -10.50 -7.80 6.89
CA ARG A 168 -9.83 -6.69 6.23
C ARG A 168 -9.16 -7.13 4.93
N GLU A 169 -8.64 -8.36 4.91
CA GLU A 169 -7.96 -8.86 3.72
C GLU A 169 -8.95 -9.12 2.59
N ARG A 170 -10.06 -9.81 2.89
CA ARG A 170 -11.04 -10.13 1.85
C ARG A 170 -11.74 -8.88 1.36
N ALA A 171 -12.03 -7.92 2.26
CA ALA A 171 -12.75 -6.72 1.86
C ALA A 171 -11.91 -5.85 0.93
N ILE A 172 -10.61 -5.75 1.19
CA ILE A 172 -9.73 -4.99 0.29
C ILE A 172 -9.68 -5.66 -1.07
N LYS A 173 -9.55 -6.98 -1.09
CA LYS A 173 -9.55 -7.71 -2.36
C LYS A 173 -10.86 -7.52 -3.12
N PHE A 174 -11.97 -7.38 -2.38
CA PHE A 174 -13.26 -7.14 -3.02
C PHE A 174 -13.25 -5.83 -3.80
N LEU A 175 -12.82 -4.74 -3.16
CA LEU A 175 -12.70 -3.46 -3.85
C LEU A 175 -11.66 -3.52 -4.95
N SER A 176 -10.62 -4.34 -4.79
CA SER A 176 -9.56 -4.43 -5.77
C SER A 176 -9.96 -5.18 -7.03
N THR A 177 -10.97 -6.04 -6.95
CA THR A 177 -11.32 -6.91 -8.07
C THR A 177 -12.74 -6.74 -8.59
N LYS A 178 -13.68 -6.27 -7.76
CA LYS A 178 -15.08 -6.22 -8.15
C LYS A 178 -15.59 -4.82 -8.44
N LEU A 179 -14.85 -3.77 -8.11
CA LEU A 179 -15.27 -2.42 -8.47
C LEU A 179 -15.26 -2.23 -9.98
N LYS A 180 -14.37 -2.93 -10.69
CA LYS A 180 -14.31 -2.82 -12.14
C LYS A 180 -15.50 -3.47 -12.83
N THR A 181 -16.25 -4.31 -12.12
CA THR A 181 -17.40 -4.99 -12.70
C THR A 181 -18.70 -4.21 -12.56
N LEU A 182 -18.73 -3.18 -11.72
CA LEU A 182 -19.93 -2.40 -11.50
C LEU A 182 -20.19 -1.47 -12.69
N PRO A 183 -21.46 -1.22 -13.00
CA PRO A 183 -21.78 -0.25 -14.06
C PRO A 183 -21.36 1.15 -13.65
N ASP A 184 -21.04 1.97 -14.66
CA ASP A 184 -20.64 3.34 -14.40
C ASP A 184 -21.77 4.18 -13.81
N GLU A 185 -23.02 3.75 -13.96
CA GLU A 185 -24.13 4.46 -13.33
C GLU A 185 -24.04 4.39 -11.81
N VAL A 186 -23.47 3.30 -11.28
CA VAL A 186 -23.40 3.13 -9.83
C VAL A 186 -22.28 3.98 -9.25
N LEU A 187 -21.09 3.91 -9.83
CA LEU A 187 -19.93 4.64 -9.33
C LEU A 187 -20.06 6.12 -9.72
N THR A 188 -20.88 6.83 -8.95
CA THR A 188 -21.10 8.25 -9.17
C THR A 188 -19.89 9.04 -8.64
N LYS A 189 -19.96 10.37 -8.78
CA LYS A 189 -18.88 11.21 -8.28
C LYS A 189 -18.78 11.14 -6.76
N GLU A 190 -19.92 11.16 -6.07
CA GLU A 190 -19.89 11.11 -4.61
C GLU A 190 -19.43 9.75 -4.10
N VAL A 191 -19.71 8.68 -4.83
CA VAL A 191 -19.20 7.36 -4.44
C VAL A 191 -17.69 7.32 -4.55
N GLU A 192 -17.13 7.86 -5.64
CA GLU A 192 -15.68 7.93 -5.77
C GLU A 192 -15.07 8.89 -4.75
N GLU A 193 -15.80 9.95 -4.38
CA GLU A 193 -15.34 10.83 -3.33
C GLU A 193 -15.29 10.09 -1.99
N LEU A 194 -16.32 9.29 -1.69
CA LEU A 194 -16.37 8.56 -0.43
C LEU A 194 -15.25 7.53 -0.34
N ILE A 195 -14.97 6.83 -1.43
CA ILE A 195 -13.91 5.84 -1.44
C ILE A 195 -12.57 6.49 -1.14
N LEU A 196 -12.29 7.63 -1.78
CA LEU A 196 -11.04 8.35 -1.50
C LEU A 196 -11.00 8.85 -0.06
N THR A 197 -12.15 9.31 0.47
CA THR A 197 -12.20 9.76 1.84
C THR A 197 -11.91 8.62 2.81
N GLU A 198 -12.50 7.45 2.56
CA GLU A 198 -12.27 6.31 3.43
C GLU A 198 -10.89 5.69 3.22
N SER A 199 -10.41 5.67 1.98
CA SER A 199 -9.11 5.06 1.71
C SER A 199 -7.99 5.82 2.39
N LYS A 200 -8.09 7.15 2.45
CA LYS A 200 -7.08 7.94 3.14
C LYS A 200 -7.07 7.66 4.63
N LYS A 201 -8.22 7.26 5.20
CA LYS A 201 -8.23 6.82 6.59
C LYS A 201 -7.49 5.51 6.76
N VAL A 202 -7.54 4.64 5.75
CA VAL A 202 -6.87 3.34 5.86
C VAL A 202 -5.37 3.47 5.60
N LEU A 203 -4.99 4.33 4.65
CA LEU A 203 -3.60 4.46 4.23
C LEU A 203 -2.66 4.88 5.36
N GLU A 204 -3.18 5.39 6.47
CA GLU A 204 -2.33 5.73 7.61
C GLU A 204 -1.79 4.51 8.33
N ASP A 205 -2.25 3.30 7.96
CA ASP A 205 -1.76 2.08 8.59
C ASP A 205 -1.98 0.89 7.67
N VAL A 206 -1.24 0.83 6.57
CA VAL A 206 -1.32 -0.29 5.63
C VAL A 206 0.06 -0.91 5.48
N THR A 207 0.08 -2.18 5.07
CA THR A 207 1.33 -2.87 4.81
C THR A 207 1.80 -2.53 3.39
N GLY A 208 2.91 -3.16 2.99
CA GLY A 208 3.44 -2.92 1.66
C GLY A 208 2.51 -3.41 0.57
N GLU A 209 1.94 -4.60 0.74
CA GLU A 209 1.04 -5.16 -0.26
C GLU A 209 -0.32 -4.47 -0.24
N GLU A 210 -0.79 -4.07 0.95
CA GLU A 210 -2.08 -3.38 1.03
C GLU A 210 -2.03 -2.03 0.32
N PHE A 211 -0.89 -1.34 0.41
CA PHE A 211 -0.77 -0.05 -0.26
C PHE A 211 -0.75 -0.21 -1.78
N VAL A 212 -0.22 -1.33 -2.28
CA VAL A 212 -0.24 -1.57 -3.72
C VAL A 212 -1.67 -1.80 -4.20
N LEU A 213 -2.48 -2.50 -3.40
CA LEU A 213 -3.86 -2.73 -3.78
C LEU A 213 -4.67 -1.44 -3.76
N PHE A 214 -4.48 -0.61 -2.74
CA PHE A 214 -5.25 0.63 -2.64
C PHE A 214 -4.87 1.61 -3.74
N MET A 215 -3.64 1.55 -4.24
CA MET A 215 -3.25 2.43 -5.34
C MET A 215 -3.95 2.00 -6.64
N LYS A 216 -4.13 0.70 -6.82
CA LYS A 216 -4.89 0.23 -7.98
C LYS A 216 -6.36 0.61 -7.86
N ILE A 217 -6.91 0.56 -6.65
CA ILE A 217 -8.30 0.92 -6.43
C ILE A 217 -8.52 2.41 -6.68
N LEU A 218 -7.67 3.25 -6.09
CA LEU A 218 -7.87 4.70 -6.19
C LEU A 218 -7.60 5.20 -7.61
N SER A 219 -6.53 4.71 -8.24
CA SER A 219 -6.22 5.15 -9.60
C SER A 219 -7.25 4.65 -10.61
N GLY A 220 -8.00 3.60 -10.28
CA GLY A 220 -9.05 3.12 -11.17
C GLY A 220 -10.29 3.99 -11.19
N LEU A 221 -10.45 4.87 -10.20
CA LEU A 221 -11.60 5.75 -10.16
C LEU A 221 -11.57 6.73 -11.33
N LYS A 222 -12.75 7.03 -11.88
CA LYS A 222 -12.83 7.87 -13.06
C LYS A 222 -12.43 9.31 -12.75
N SER A 223 -12.82 9.82 -11.59
CA SER A 223 -12.52 11.20 -11.24
C SER A 223 -11.07 11.43 -10.84
N LEU A 224 -10.31 10.37 -10.60
CA LEU A 224 -8.90 10.50 -10.25
C LEU A 224 -7.97 10.20 -11.41
N GLN A 225 -8.50 9.96 -12.61
CA GLN A 225 -7.71 9.72 -13.79
C GLN A 225 -7.41 11.01 -14.57
N THR A 226 -7.78 12.16 -14.02
CA THR A 226 -7.51 13.44 -14.65
C THR A 226 -6.11 13.92 -14.25
N VAL A 227 -5.72 15.08 -14.78
CA VAL A 227 -4.43 15.66 -14.41
C VAL A 227 -4.43 16.05 -12.94
N SER A 228 -5.50 16.69 -12.48
CA SER A 228 -5.61 17.02 -11.07
C SER A 228 -5.81 15.78 -10.21
N GLY A 229 -6.49 14.76 -10.74
CA GLY A 229 -6.71 13.55 -9.98
C GLY A 229 -5.43 12.76 -9.77
N ARG A 230 -4.60 12.66 -10.81
CA ARG A 230 -3.33 11.93 -10.67
C ARG A 230 -2.34 12.69 -9.79
N GLN A 231 -2.42 14.02 -9.76
CA GLN A 231 -1.58 14.78 -8.86
C GLN A 231 -1.93 14.53 -7.40
N GLN A 232 -3.21 14.29 -7.11
CA GLN A 232 -3.60 13.94 -5.74
C GLN A 232 -3.07 12.57 -5.37
N LEU A 233 -3.13 11.61 -6.29
CA LEU A 233 -2.60 10.28 -6.02
C LEU A 233 -1.09 10.31 -5.82
N VAL A 234 -0.39 11.18 -6.55
CA VAL A 234 1.05 11.32 -6.38
C VAL A 234 1.37 11.84 -4.98
N GLU A 235 0.56 12.78 -4.48
CA GLU A 235 0.77 13.29 -3.13
C GLU A 235 0.47 12.23 -2.08
N LEU A 236 -0.41 11.28 -2.38
CA LEU A 236 -0.71 10.21 -1.42
C LEU A 236 0.50 9.30 -1.23
N VAL A 237 1.14 8.90 -2.34
CA VAL A 237 2.32 8.06 -2.22
C VAL A 237 3.52 8.84 -1.68
N ALA A 238 3.50 10.17 -1.81
CA ALA A 238 4.57 10.98 -1.23
C ALA A 238 4.48 10.99 0.28
N GLU A 239 3.27 11.14 0.84
CA GLU A 239 3.11 11.05 2.28
C GLU A 239 3.29 9.61 2.77
N GLN A 240 2.98 8.63 1.92
CA GLN A 240 3.21 7.24 2.30
C GLN A 240 4.70 6.91 2.30
N ALA A 241 5.46 7.50 1.36
CA ALA A 241 6.89 7.26 1.31
C ALA A 241 7.64 7.97 2.43
N ASP A 242 7.02 8.97 3.06
CA ASP A 242 7.63 9.75 4.14
C ASP A 242 8.95 10.38 3.66
N LEU A 243 8.80 11.28 2.69
CA LEU A 243 9.96 11.91 2.05
C LEU A 243 10.68 12.90 2.95
N GLU A 244 10.08 13.29 4.08
CA GLU A 244 10.79 14.13 5.04
C GLU A 244 11.59 13.31 6.04
N GLN A 245 11.37 12.00 6.11
CA GLN A 245 12.23 11.13 6.89
C GLN A 245 13.60 11.04 6.24
N THR A 246 14.64 11.29 7.03
CA THR A 246 16.00 11.21 6.48
C THR A 246 16.32 9.79 6.05
N PHE A 247 17.05 9.67 4.95
CA PHE A 247 17.31 8.37 4.35
C PHE A 247 18.41 7.63 5.10
N ASN A 248 18.15 6.36 5.41
CA ASN A 248 19.14 5.50 6.06
C ASN A 248 19.59 4.42 5.09
N PRO A 249 20.82 4.48 4.58
CA PRO A 249 21.26 3.46 3.61
C PRO A 249 21.57 2.11 4.24
N SER A 250 21.68 2.03 5.56
CA SER A 250 22.08 0.79 6.20
C SER A 250 20.93 -0.21 6.31
N ASP A 251 19.71 0.28 6.51
CA ASP A 251 18.57 -0.60 6.69
C ASP A 251 18.17 -1.24 5.37
N PRO A 252 18.13 -2.57 5.27
CA PRO A 252 17.68 -3.20 4.02
C PRO A 252 16.20 -2.95 3.73
N ASP A 253 15.36 -2.85 4.77
CA ASP A 253 13.94 -2.62 4.57
C ASP A 253 13.62 -1.16 4.25
N CYS A 254 14.49 -0.23 4.62
CA CYS A 254 14.27 1.17 4.29
C CYS A 254 14.33 1.41 2.78
N VAL A 255 15.20 0.69 2.08
CA VAL A 255 15.33 0.85 0.64
C VAL A 255 14.18 0.16 -0.08
N ASP A 256 13.89 -1.09 0.29
CA ASP A 256 12.83 -1.84 -0.36
C ASP A 256 11.46 -1.23 -0.13
N ARG A 257 11.29 -0.44 0.94
CA ARG A 257 10.03 0.24 1.16
C ARG A 257 9.93 1.52 0.34
N LEU A 258 11.05 2.24 0.19
CA LEU A 258 11.05 3.43 -0.65
C LEU A 258 10.87 3.07 -2.11
N LEU A 259 11.53 2.02 -2.58
CA LEU A 259 11.40 1.61 -3.97
C LEU A 259 9.98 1.14 -4.27
N GLN A 260 9.42 0.29 -3.40
CA GLN A 260 8.07 -0.20 -3.62
C GLN A 260 7.05 0.93 -3.58
N CYS A 261 7.25 1.89 -2.67
CA CYS A 261 6.31 3.00 -2.57
C CYS A 261 6.48 3.97 -3.73
N THR A 262 7.68 4.08 -4.29
CA THR A 262 7.91 5.00 -5.41
C THR A 262 7.46 4.39 -6.73
N ARG A 263 7.51 3.06 -6.87
CA ARG A 263 7.04 2.44 -8.10
C ARG A 263 5.56 2.70 -8.34
N GLN A 264 4.79 2.92 -7.28
CA GLN A 264 3.37 3.21 -7.43
C GLN A 264 3.13 4.61 -7.97
N ALA A 265 4.13 5.48 -7.94
CA ALA A 265 3.99 6.84 -8.46
C ALA A 265 4.36 6.97 -9.92
N VAL A 266 5.12 6.01 -10.47
CA VAL A 266 5.58 6.12 -11.84
C VAL A 266 4.44 6.11 -12.86
N PRO A 267 3.44 5.21 -12.78
CA PRO A 267 2.36 5.23 -13.78
C PRO A 267 1.52 6.50 -13.79
N LEU A 268 1.67 7.37 -12.80
CA LEU A 268 0.86 8.58 -12.70
C LEU A 268 1.54 9.82 -13.26
N PHE A 269 2.83 9.76 -13.56
CA PHE A 269 3.58 10.94 -13.97
C PHE A 269 3.32 11.26 -15.44
N SER A 270 2.94 12.52 -15.69
CA SER A 270 2.80 13.02 -17.06
C SER A 270 3.63 14.30 -17.20
N LYS A 271 3.43 15.02 -18.30
CA LYS A 271 4.16 16.26 -18.49
C LYS A 271 3.70 17.36 -17.55
N ASN A 272 2.49 17.24 -17.00
CA ASN A 272 1.95 18.21 -16.06
C ASN A 272 1.80 17.63 -14.65
N VAL A 273 2.03 16.34 -14.47
CA VAL A 273 2.07 15.70 -13.16
C VAL A 273 3.53 15.38 -12.87
N HIS A 274 4.19 16.25 -12.13
CA HIS A 274 5.63 16.21 -11.97
C HIS A 274 6.07 15.23 -10.88
N SER A 275 7.34 14.84 -10.95
CA SER A 275 7.96 13.93 -9.99
C SER A 275 9.10 14.62 -9.24
N THR A 276 9.00 15.93 -9.08
CA THR A 276 10.12 16.70 -8.52
C THR A 276 10.43 16.28 -7.09
N ARG A 277 9.39 16.00 -6.30
CA ARG A 277 9.62 15.64 -4.90
C ARG A 277 10.36 14.32 -4.77
N PHE A 278 10.19 13.41 -5.73
CA PHE A 278 10.88 12.12 -5.69
C PHE A 278 12.28 12.19 -6.29
N VAL A 279 12.45 12.92 -7.40
CA VAL A 279 13.78 13.07 -8.00
C VAL A 279 14.70 13.82 -7.05
N THR A 280 14.15 14.82 -6.34
CA THR A 280 14.95 15.56 -5.38
C THR A 280 15.43 14.65 -4.24
N TYR A 281 14.57 13.73 -3.80
CA TYR A 281 14.94 12.84 -2.70
C TYR A 281 16.00 11.84 -3.15
N PHE A 282 15.89 11.31 -4.36
CA PHE A 282 16.86 10.34 -4.85
C PHE A 282 18.22 10.99 -5.10
N CYS A 283 18.22 12.21 -5.62
CA CYS A 283 19.48 12.90 -5.89
C CYS A 283 20.15 13.37 -4.61
N GLU A 284 19.36 13.86 -3.65
CA GLU A 284 19.94 14.45 -2.44
C GLU A 284 20.47 13.37 -1.50
N GLN A 285 19.68 12.32 -1.26
CA GLN A 285 19.96 11.40 -0.17
C GLN A 285 20.27 9.98 -0.60
N VAL A 286 19.90 9.56 -1.81
CA VAL A 286 20.08 8.18 -2.24
C VAL A 286 21.32 8.03 -3.12
N LEU A 287 21.50 8.93 -4.08
CA LEU A 287 22.66 8.84 -4.97
C LEU A 287 24.00 8.97 -4.23
N PRO A 288 24.19 9.95 -3.32
CA PRO A 288 25.48 10.03 -2.62
C PRO A 288 25.75 8.85 -1.69
N ASN A 289 24.77 7.99 -1.45
CA ASN A 289 24.92 6.83 -0.57
C ASN A 289 24.56 5.54 -1.29
N LEU A 290 24.74 5.49 -2.61
CA LEU A 290 24.32 4.33 -3.38
C LEU A 290 25.23 3.13 -3.12
N GLY A 291 26.51 3.36 -2.82
CA GLY A 291 27.41 2.26 -2.57
C GLY A 291 27.07 1.46 -1.32
N THR A 292 26.49 2.10 -0.32
CA THR A 292 26.14 1.46 0.95
C THR A 292 24.80 0.73 0.89
N LEU A 293 24.35 0.34 -0.29
CA LEU A 293 23.04 -0.29 -0.44
C LEU A 293 23.16 -1.80 -0.27
N THR A 294 22.38 -2.34 0.67
CA THR A 294 22.36 -3.77 0.94
C THR A 294 21.10 -4.40 0.33
N THR A 295 21.24 -5.61 -0.19
CA THR A 295 20.13 -6.37 -0.71
C THR A 295 20.04 -7.72 -0.02
N PRO A 296 18.89 -8.09 0.53
CA PRO A 296 18.78 -9.40 1.19
C PRO A 296 18.08 -10.44 0.32
N VAL A 297 17.98 -10.17 -0.98
CA VAL A 297 17.29 -11.05 -1.92
C VAL A 297 18.25 -11.41 -3.05
N GLU A 298 18.30 -12.68 -3.41
CA GLU A 298 19.23 -13.14 -4.43
C GLU A 298 18.79 -12.68 -5.81
N GLY A 299 19.79 -12.47 -6.68
CA GLY A 299 19.53 -12.11 -8.05
C GLY A 299 18.91 -10.76 -8.27
N LEU A 300 18.97 -9.87 -7.29
CA LEU A 300 18.40 -8.53 -7.38
C LEU A 300 19.51 -7.51 -7.16
N ASP A 301 19.82 -6.73 -8.19
CA ASP A 301 20.79 -5.64 -8.09
C ASP A 301 20.06 -4.44 -7.49
N ILE A 302 20.30 -4.18 -6.20
CA ILE A 302 19.57 -3.13 -5.52
C ILE A 302 19.98 -1.75 -6.03
N GLN A 303 21.23 -1.60 -6.47
CA GLN A 303 21.69 -0.29 -6.93
C GLN A 303 21.16 0.04 -8.32
N LEU A 304 21.09 -0.97 -9.21
CA LEU A 304 20.56 -0.73 -10.54
C LEU A 304 19.05 -0.44 -10.49
N GLU A 305 18.33 -1.09 -9.59
CA GLU A 305 16.90 -0.83 -9.46
C GLU A 305 16.64 0.60 -9.00
N VAL A 306 17.51 1.15 -8.15
CA VAL A 306 17.40 2.55 -7.77
C VAL A 306 17.67 3.44 -8.97
N LEU A 307 18.71 3.12 -9.75
CA LEU A 307 19.02 3.91 -10.93
C LEU A 307 17.95 3.75 -12.00
N LYS A 308 17.40 2.54 -12.15
CA LYS A 308 16.30 2.34 -13.08
C LYS A 308 15.10 3.20 -12.70
N LEU A 309 14.79 3.28 -11.40
CA LEU A 309 13.63 4.05 -10.96
C LEU A 309 13.87 5.54 -11.13
N LEU A 310 15.09 6.01 -10.87
CA LEU A 310 15.41 7.42 -11.06
C LEU A 310 15.39 7.79 -12.54
N ALA A 311 15.79 6.88 -13.41
CA ALA A 311 15.78 7.16 -14.85
C ALA A 311 14.37 7.35 -15.37
N GLU A 312 13.42 6.56 -14.87
CA GLU A 312 12.03 6.71 -15.31
C GLU A 312 11.43 8.02 -14.82
N MET A 313 11.77 8.44 -13.59
CA MET A 313 11.18 9.64 -13.02
C MET A 313 11.79 10.92 -13.57
N SER A 314 13.06 10.88 -13.98
CA SER A 314 13.74 12.09 -14.41
C SER A 314 13.08 12.73 -15.63
N SER A 315 12.29 11.96 -16.38
CA SER A 315 11.61 12.50 -17.55
C SER A 315 10.45 13.42 -17.18
N PHE A 316 10.01 13.43 -15.92
CA PHE A 316 8.86 14.21 -15.49
C PHE A 316 9.20 15.17 -14.35
N CYS A 317 10.49 15.49 -14.19
CA CYS A 317 10.92 16.39 -13.13
C CYS A 317 10.81 17.84 -13.58
N GLY A 318 10.28 18.68 -12.71
CA GLY A 318 10.12 20.10 -12.97
C GLY A 318 11.24 20.92 -12.40
N ASP A 319 10.94 22.17 -12.05
CA ASP A 319 11.93 23.05 -11.44
C ASP A 319 12.27 22.54 -10.05
N MET A 320 13.55 22.24 -9.83
CA MET A 320 13.99 21.62 -8.59
C MET A 320 14.33 22.66 -7.54
N GLU A 321 14.33 22.21 -6.28
CA GLU A 321 14.69 23.05 -5.14
C GLU A 321 16.15 23.48 -5.26
N LYS A 322 17.06 22.51 -5.17
CA LYS A 322 18.50 22.73 -5.32
C LYS A 322 18.93 22.06 -6.61
N LEU A 323 18.67 22.72 -7.74
CA LEU A 323 18.92 22.11 -9.04
C LEU A 323 20.41 21.85 -9.25
N GLU A 324 21.25 22.84 -8.96
CA GLU A 324 22.68 22.71 -9.25
C GLU A 324 23.34 21.68 -8.35
N THR A 325 22.93 21.63 -7.07
CA THR A 325 23.51 20.64 -6.17
C THR A 325 23.09 19.23 -6.55
N ASN A 326 21.82 19.04 -6.90
CA ASN A 326 21.35 17.72 -7.33
C ASN A 326 21.96 17.33 -8.67
N LEU A 327 22.16 18.31 -9.57
CA LEU A 327 22.77 18.01 -10.86
C LEU A 327 24.22 17.59 -10.69
N ARG A 328 24.93 18.20 -9.73
CA ARG A 328 26.31 17.82 -9.48
C ARG A 328 26.40 16.42 -8.87
N LYS A 329 25.53 16.12 -7.91
CA LYS A 329 25.51 14.78 -7.31
C LYS A 329 25.19 13.72 -8.36
N LEU A 330 24.28 14.04 -9.28
CA LEU A 330 24.01 13.11 -10.38
C LEU A 330 25.18 13.03 -11.34
N PHE A 331 25.86 14.16 -11.58
CA PHE A 331 27.00 14.17 -12.50
C PHE A 331 28.20 13.44 -11.90
N ASP A 332 28.39 13.57 -10.58
CA ASP A 332 29.51 12.89 -9.94
C ASP A 332 29.32 11.38 -9.96
N LYS A 333 28.10 10.91 -9.76
CA LYS A 333 27.83 9.47 -9.81
C LYS A 333 28.00 8.93 -11.23
N LEU A 334 27.77 9.77 -12.23
CA LEU A 334 27.97 9.33 -13.61
C LEU A 334 29.44 9.13 -13.93
N LEU A 335 30.30 10.04 -13.46
CA LEU A 335 31.74 9.93 -13.72
C LEU A 335 32.36 8.73 -13.02
N GLU A 336 31.71 8.20 -11.97
CA GLU A 336 32.23 6.99 -11.34
C GLU A 336 32.13 5.78 -12.27
N TYR A 337 31.20 5.80 -13.22
CA TYR A 337 31.02 4.70 -14.16
C TYR A 337 31.50 5.06 -15.55
N MET A 338 32.17 6.19 -15.72
CA MET A 338 32.76 6.59 -17.00
C MET A 338 34.23 6.93 -16.73
N PRO A 339 35.13 5.97 -16.90
CA PRO A 339 36.52 6.18 -16.51
C PRO A 339 37.32 6.97 -17.55
N LEU A 340 38.35 7.64 -17.07
CA LEU A 340 39.31 8.29 -17.93
C LEU A 340 40.14 7.25 -18.67
N PRO A 341 40.69 7.60 -19.84
CA PRO A 341 41.48 6.62 -20.60
C PRO A 341 42.87 6.48 -20.02
N PRO A 342 43.24 5.25 -19.60
CA PRO A 342 44.57 4.97 -19.04
C PRO A 342 45.65 4.89 -20.10
N PRO A 356 39.42 -2.37 -18.26
CA PRO A 356 38.36 -2.46 -17.26
C PRO A 356 37.00 -2.78 -17.87
N LYS A 357 36.10 -3.34 -17.07
CA LYS A 357 34.75 -3.66 -17.53
C LYS A 357 33.86 -2.45 -17.37
N LEU A 358 33.05 -2.18 -18.39
CA LEU A 358 32.14 -1.04 -18.41
C LEU A 358 30.73 -1.51 -18.10
N GLN A 359 30.12 -0.93 -17.07
CA GLN A 359 28.75 -1.28 -16.69
C GLN A 359 27.80 -0.43 -17.54
N PHE A 360 27.42 -0.98 -18.70
CA PHE A 360 26.53 -0.25 -19.60
C PHE A 360 25.14 -0.09 -19.00
N SER A 361 24.70 -1.05 -18.18
CA SER A 361 23.39 -0.95 -17.56
C SER A 361 23.33 0.22 -16.58
N TYR A 362 24.41 0.43 -15.82
CA TYR A 362 24.46 1.56 -14.90
C TYR A 362 24.58 2.88 -15.66
N VAL A 363 25.36 2.91 -16.74
CA VAL A 363 25.57 4.14 -17.48
C VAL A 363 24.29 4.57 -18.19
N GLU A 364 23.50 3.61 -18.68
CA GLU A 364 22.27 3.94 -19.38
C GLU A 364 21.32 4.72 -18.48
N CYS A 365 21.24 4.34 -17.20
CA CYS A 365 20.34 5.03 -16.29
C CYS A 365 20.88 6.40 -15.89
N LEU A 366 22.18 6.46 -15.58
CA LEU A 366 22.76 7.72 -15.12
C LEU A 366 22.88 8.73 -16.26
N LEU A 367 23.34 8.28 -17.43
CA LEU A 367 23.49 9.20 -18.56
C LEU A 367 22.14 9.73 -19.03
N TYR A 368 21.09 8.90 -18.94
CA TYR A 368 19.76 9.35 -19.32
C TYR A 368 19.23 10.40 -18.34
N SER A 369 19.40 10.15 -17.04
CA SER A 369 18.89 11.08 -16.04
C SER A 369 19.60 12.43 -16.13
N PHE A 370 20.92 12.42 -16.38
CA PHE A 370 21.64 13.68 -16.57
C PHE A 370 21.23 14.34 -17.88
N HIS A 371 20.95 13.55 -18.91
CA HIS A 371 20.48 14.11 -20.17
C HIS A 371 19.10 14.75 -20.01
N GLN A 372 18.30 14.26 -19.07
CA GLN A 372 16.99 14.85 -18.81
C GLN A 372 17.10 16.09 -17.93
N LEU A 373 17.83 15.99 -16.82
CA LEU A 373 17.94 17.11 -15.89
C LEU A 373 18.94 18.16 -16.34
N GLY A 374 19.87 17.81 -17.24
CA GLY A 374 20.84 18.77 -17.73
C GLY A 374 20.25 19.86 -18.59
N ARG A 375 19.04 19.67 -19.10
CA ARG A 375 18.39 20.70 -19.91
C ARG A 375 18.11 21.95 -19.08
N LYS A 376 17.74 21.75 -17.81
CA LYS A 376 17.37 22.86 -16.93
C LYS A 376 18.55 23.75 -16.56
N LEU A 377 19.78 23.29 -16.76
CA LEU A 377 20.97 24.07 -16.43
C LEU A 377 22.08 23.76 -17.41
N PRO A 378 22.00 24.31 -18.63
CA PRO A 378 23.11 24.11 -19.58
C PRO A 378 24.40 24.77 -19.14
N ASP A 379 24.34 25.75 -18.24
CA ASP A 379 25.54 26.36 -17.71
C ASP A 379 26.39 25.37 -16.93
N PHE A 380 25.81 24.24 -16.50
CA PHE A 380 26.58 23.20 -15.85
C PHE A 380 27.72 22.69 -16.72
N LEU A 381 27.60 22.84 -18.04
CA LEU A 381 28.66 22.48 -18.98
C LEU A 381 29.14 23.66 -19.82
N THR A 382 28.27 24.60 -20.15
CA THR A 382 28.59 25.69 -21.08
C THR A 382 28.97 26.98 -20.36
N ALA A 383 29.54 26.89 -19.16
CA ALA A 383 30.04 28.05 -18.45
C ALA A 383 31.55 28.12 -18.54
N LYS A 384 32.08 29.35 -18.52
CA LYS A 384 33.53 29.52 -18.57
C LYS A 384 34.20 28.94 -17.33
N LEU A 385 33.51 28.96 -16.19
CA LEU A 385 34.04 28.32 -14.99
C LEU A 385 34.07 26.80 -15.14
N ASN A 386 33.05 26.24 -15.76
CA ASN A 386 32.95 24.79 -15.96
C ASN A 386 33.67 24.32 -17.21
N ALA A 387 34.62 25.11 -17.72
CA ALA A 387 35.38 24.69 -18.90
C ALA A 387 36.26 23.48 -18.59
N GLU A 388 36.68 23.33 -17.34
CA GLU A 388 37.47 22.15 -16.98
C GLU A 388 36.61 20.92 -16.84
N LYS A 389 35.39 21.08 -16.31
CA LYS A 389 34.47 19.95 -16.21
C LYS A 389 34.01 19.52 -17.59
N LEU A 390 33.80 20.47 -18.50
CA LEU A 390 33.38 20.12 -19.86
C LEU A 390 34.51 19.47 -20.65
N LYS A 391 35.74 19.97 -20.48
CA LYS A 391 36.90 19.37 -21.13
C LYS A 391 37.10 17.93 -20.65
N ASP A 392 37.04 17.72 -19.34
CA ASP A 392 37.23 16.37 -18.81
C ASP A 392 36.07 15.45 -19.18
N PHE A 393 34.85 16.00 -19.24
CA PHE A 393 33.68 15.17 -19.54
C PHE A 393 33.71 14.65 -20.97
N LYS A 394 34.05 15.51 -21.93
CA LYS A 394 34.10 15.09 -23.32
C LYS A 394 35.23 14.08 -23.58
N ILE A 395 36.25 14.06 -22.73
CA ILE A 395 37.28 13.03 -22.85
C ILE A 395 36.74 11.69 -22.34
N ARG A 396 35.95 11.70 -21.26
CA ARG A 396 35.36 10.48 -20.76
C ARG A 396 34.32 9.93 -21.73
N LEU A 397 33.54 10.82 -22.36
CA LEU A 397 32.56 10.37 -23.34
C LEU A 397 33.23 9.75 -24.55
N GLN A 398 34.39 10.28 -24.94
CA GLN A 398 35.07 9.77 -26.14
C GLN A 398 35.73 8.43 -25.86
N TYR A 399 36.33 8.26 -24.68
CA TYR A 399 36.93 6.98 -24.33
C TYR A 399 35.87 5.91 -24.11
N PHE A 400 34.73 6.30 -23.53
CA PHE A 400 33.64 5.34 -23.32
C PHE A 400 33.05 4.90 -24.65
N ALA A 401 32.99 5.79 -25.65
CA ALA A 401 32.40 5.45 -26.93
C ALA A 401 33.26 4.46 -27.71
N ARG A 402 34.57 4.44 -27.45
CA ARG A 402 35.43 3.50 -28.17
C ARG A 402 35.11 2.06 -27.77
N GLY A 403 35.12 1.77 -26.47
CA GLY A 403 34.74 0.44 -26.01
C GLY A 403 33.27 0.14 -26.17
N LEU A 404 32.43 1.16 -26.28
CA LEU A 404 31.00 0.94 -26.48
C LEU A 404 30.72 0.45 -27.90
N GLN A 405 31.19 1.19 -28.91
CA GLN A 405 30.97 0.81 -30.30
C GLN A 405 31.63 -0.51 -30.65
N VAL A 406 32.70 -0.89 -29.93
CA VAL A 406 33.27 -2.22 -30.11
C VAL A 406 32.28 -3.29 -29.65
N TYR A 407 31.62 -3.06 -28.52
CA TYR A 407 30.65 -4.02 -28.00
C TYR A 407 29.34 -4.01 -28.78
N ILE A 408 29.05 -2.92 -29.51
CA ILE A 408 27.81 -2.86 -30.28
C ILE A 408 27.87 -3.82 -31.46
N ARG A 409 28.84 -3.64 -32.35
CA ARG A 409 28.99 -4.54 -33.48
C ARG A 409 29.37 -5.95 -33.05
N GLN A 410 29.99 -6.10 -31.87
CA GLN A 410 30.23 -7.42 -31.32
C GLN A 410 28.92 -8.11 -30.97
N LEU A 411 27.92 -7.35 -30.52
CA LEU A 411 26.60 -7.93 -30.27
C LEU A 411 25.89 -8.23 -31.59
N ARG A 412 25.92 -7.29 -32.53
CA ARG A 412 25.24 -7.48 -33.81
C ARG A 412 25.90 -8.58 -34.65
N LEU A 413 27.14 -8.94 -34.35
CA LEU A 413 27.75 -10.08 -35.02
C LEU A 413 27.10 -11.38 -34.56
N ALA A 414 26.84 -11.52 -33.26
CA ALA A 414 26.20 -12.71 -32.74
C ALA A 414 24.70 -12.75 -33.03
N LEU A 415 24.13 -11.65 -33.50
CA LEU A 415 22.71 -11.56 -33.84
C LEU A 415 22.57 -11.33 -35.34
N GLN A 416 22.95 -12.35 -36.12
CA GLN A 416 22.84 -12.29 -37.57
C GLN A 416 22.23 -13.57 -38.13
N GLY A 420 13.41 -15.21 -35.78
CA GLY A 420 12.39 -14.79 -34.84
C GLY A 420 12.17 -15.75 -33.69
N GLU A 421 12.64 -16.99 -33.87
CA GLU A 421 12.49 -18.01 -32.85
C GLU A 421 13.71 -18.10 -31.93
N ALA A 422 14.91 -18.08 -32.51
CA ALA A 422 16.12 -18.10 -31.70
C ALA A 422 16.28 -16.82 -30.88
N LEU A 423 15.63 -15.74 -31.28
CA LEU A 423 15.67 -14.50 -30.51
C LEU A 423 14.88 -14.59 -29.21
N LYS A 424 14.04 -15.61 -29.05
CA LYS A 424 13.23 -15.78 -27.85
C LYS A 424 13.92 -16.63 -26.79
N THR A 425 15.15 -17.08 -27.04
CA THR A 425 15.90 -17.83 -26.05
C THR A 425 16.44 -16.88 -24.98
N GLU A 426 16.48 -17.36 -23.74
CA GLU A 426 16.95 -16.55 -22.63
C GLU A 426 18.39 -16.10 -22.80
N GLU A 427 19.19 -16.84 -23.57
CA GLU A 427 20.57 -16.45 -23.81
C GLU A 427 20.68 -15.41 -24.92
N ASN A 428 19.72 -15.39 -25.85
CA ASN A 428 19.72 -14.40 -26.91
C ASN A 428 18.90 -13.15 -26.57
N LYS A 429 17.89 -13.28 -25.71
CA LYS A 429 17.14 -12.10 -25.30
C LYS A 429 18.00 -11.14 -24.50
N ILE A 430 19.03 -11.64 -23.83
CA ILE A 430 19.95 -10.77 -23.11
C ILE A 430 20.73 -9.89 -24.08
N LYS A 431 21.17 -10.47 -25.20
CA LYS A 431 21.87 -9.68 -26.22
C LYS A 431 20.94 -8.70 -26.92
N VAL A 432 19.63 -8.97 -26.94
CA VAL A 432 18.69 -8.04 -27.54
C VAL A 432 18.55 -6.79 -26.70
N VAL A 433 18.36 -6.96 -25.38
CA VAL A 433 18.25 -5.80 -24.50
C VAL A 433 19.60 -5.13 -24.32
N ALA A 434 20.70 -5.89 -24.43
CA ALA A 434 22.02 -5.28 -24.38
C ALA A 434 22.26 -4.39 -25.59
N LEU A 435 21.69 -4.75 -26.74
CA LEU A 435 21.80 -3.90 -27.92
C LEU A 435 20.98 -2.62 -27.75
N LYS A 436 19.87 -2.69 -27.02
CA LYS A 436 19.09 -1.50 -26.74
C LYS A 436 19.82 -0.59 -25.74
N ILE A 437 20.49 -1.19 -24.76
CA ILE A 437 21.24 -0.40 -23.78
C ILE A 437 22.37 0.35 -24.47
N THR A 438 23.17 -0.36 -25.27
CA THR A 438 24.33 0.26 -25.91
C THR A 438 23.91 1.29 -26.94
N ASN A 439 22.81 1.05 -27.65
CA ASN A 439 22.34 2.03 -28.63
C ASN A 439 21.86 3.31 -27.95
N ASN A 440 21.16 3.17 -26.81
CA ASN A 440 20.71 4.35 -26.09
C ASN A 440 21.89 5.15 -25.54
N ILE A 441 22.93 4.46 -25.06
CA ILE A 441 24.11 5.15 -24.57
C ILE A 441 24.81 5.87 -25.72
N ASN A 442 24.94 5.20 -26.87
CA ASN A 442 25.63 5.81 -28.01
C ASN A 442 24.88 7.01 -28.55
N VAL A 443 23.54 6.98 -28.49
CA VAL A 443 22.76 8.13 -28.95
C VAL A 443 22.93 9.29 -27.99
N LEU A 444 23.00 9.01 -26.68
CA LEU A 444 23.12 10.09 -25.70
C LEU A 444 24.52 10.69 -25.69
N ILE A 445 25.55 9.88 -25.93
CA ILE A 445 26.91 10.40 -25.96
C ILE A 445 27.09 11.36 -27.15
N LYS A 446 26.59 10.96 -28.33
CA LYS A 446 26.69 11.83 -29.50
C LYS A 446 25.89 13.10 -29.31
N ASP A 447 24.79 13.04 -28.56
CA ASP A 447 24.00 14.25 -28.30
C ASP A 447 24.75 15.21 -27.38
N LEU A 448 25.52 14.68 -26.43
CA LEU A 448 26.28 15.52 -25.50
C LEU A 448 27.62 15.96 -26.05
N PHE A 449 28.15 15.28 -27.07
CA PHE A 449 29.44 15.65 -27.63
C PHE A 449 29.33 16.64 -28.78
N HIS A 450 28.17 17.29 -28.95
CA HIS A 450 28.13 18.48 -29.78
C HIS A 450 28.87 19.60 -29.05
N ILE A 451 29.60 20.41 -29.82
CA ILE A 451 30.47 21.43 -29.23
C ILE A 451 29.63 22.36 -28.36
N PRO A 452 28.43 22.74 -28.79
CA PRO A 452 27.40 23.13 -27.83
C PRO A 452 26.57 21.92 -27.45
N PRO A 453 26.76 21.39 -26.23
CA PRO A 453 26.14 20.10 -25.86
C PRO A 453 24.61 20.15 -25.99
N SER A 454 24.08 19.27 -26.83
CA SER A 454 22.67 19.22 -27.12
C SER A 454 21.96 18.23 -26.19
N TYR A 455 20.66 18.46 -25.99
CA TYR A 455 19.85 17.62 -25.13
C TYR A 455 18.53 17.23 -25.78
N LYS A 456 18.43 17.30 -27.11
CA LYS A 456 17.14 17.12 -27.77
C LYS A 456 16.86 15.69 -28.19
N SER A 457 17.85 14.79 -28.14
CA SER A 457 17.61 13.40 -28.52
C SER A 457 16.62 12.75 -27.55
N THR A 458 15.84 11.81 -28.08
CA THR A 458 14.84 11.09 -27.29
C THR A 458 15.09 9.60 -27.44
N VAL A 459 15.26 8.90 -26.32
CA VAL A 459 15.48 7.46 -26.32
C VAL A 459 14.41 6.81 -25.47
N THR A 460 14.17 5.53 -25.74
CA THR A 460 13.30 4.69 -24.94
C THR A 460 14.15 3.76 -24.09
N LEU A 461 13.92 3.78 -22.78
CA LEU A 461 14.71 2.95 -21.88
C LEU A 461 14.57 1.47 -22.23
N SER A 462 15.65 0.72 -21.99
CA SER A 462 15.73 -0.65 -22.48
C SER A 462 14.66 -1.54 -21.84
N TRP A 463 14.44 -1.39 -20.53
CA TRP A 463 13.49 -2.22 -19.82
C TRP A 463 12.05 -1.73 -19.95
N LYS A 464 11.78 -0.80 -20.86
CA LYS A 464 10.44 -0.30 -21.11
C LYS A 464 9.98 -0.75 -22.48
N PRO A 465 8.77 -1.31 -22.61
CA PRO A 465 8.33 -1.83 -23.92
C PRO A 465 8.05 -0.74 -24.93
N VAL A 466 7.62 -1.13 -26.13
CA VAL A 466 7.33 -0.19 -27.20
C VAL A 466 6.03 0.55 -26.94
N ASP B 49 11.75 -5.85 37.40
CA ASP B 49 11.58 -6.95 36.46
C ASP B 49 11.52 -6.46 35.01
N PRO B 50 12.45 -6.93 34.18
CA PRO B 50 12.41 -6.57 32.77
C PRO B 50 11.23 -7.20 32.07
N LYS B 51 10.67 -6.47 31.11
CA LYS B 51 9.46 -6.90 30.40
C LYS B 51 9.63 -6.69 28.91
N ARG B 52 8.72 -7.30 28.14
CA ARG B 52 8.60 -7.07 26.71
C ARG B 52 7.24 -6.44 26.44
N LEU B 53 7.20 -5.50 25.49
CA LEU B 53 5.95 -4.81 25.14
C LEU B 53 5.43 -5.40 23.84
N TYR B 54 4.41 -6.25 23.95
CA TYR B 54 3.81 -6.91 22.79
C TYR B 54 2.66 -6.05 22.27
N CYS B 55 2.81 -5.55 21.05
CA CYS B 55 1.80 -4.66 20.47
C CYS B 55 0.66 -5.49 19.89
N LYS B 56 -0.58 -5.07 20.18
CA LYS B 56 -1.74 -5.79 19.65
C LYS B 56 -1.84 -5.68 18.14
N ASN B 57 -1.40 -4.56 17.56
CA ASN B 57 -1.46 -4.36 16.12
C ASN B 57 -0.32 -5.11 15.46
N GLY B 58 -0.62 -6.28 14.90
CA GLY B 58 0.34 -7.09 14.19
C GLY B 58 1.08 -8.11 15.04
N GLY B 59 1.29 -7.82 16.31
CA GLY B 59 2.04 -8.69 17.19
C GLY B 59 3.51 -8.39 17.31
N PHE B 60 3.92 -7.13 17.17
CA PHE B 60 5.33 -6.77 17.24
C PHE B 60 5.77 -6.50 18.67
N PHE B 61 7.02 -6.85 18.97
CA PHE B 61 7.64 -6.48 20.23
C PHE B 61 8.36 -5.14 20.06
N LEU B 62 8.18 -4.25 21.02
CA LEU B 62 8.84 -2.94 20.96
C LEU B 62 10.35 -3.11 21.03
N ARG B 63 11.05 -2.60 20.04
CA ARG B 63 12.49 -2.79 19.91
C ARG B 63 13.20 -1.44 19.93
N ILE B 64 14.31 -1.37 20.67
CA ILE B 64 15.09 -0.16 20.81
C ILE B 64 16.53 -0.49 20.43
N HIS B 65 17.01 0.11 19.34
CA HIS B 65 18.33 -0.16 18.79
C HIS B 65 19.38 0.73 19.43
N PRO B 66 20.66 0.31 19.40
CA PRO B 66 21.71 1.15 20.01
C PRO B 66 21.93 2.46 19.29
N ASP B 67 21.60 2.54 18.00
CA ASP B 67 21.78 3.79 17.26
C ASP B 67 20.61 4.77 17.46
N GLY B 68 19.51 4.32 18.06
CA GLY B 68 18.40 5.19 18.34
C GLY B 68 17.12 4.90 17.57
N ARG B 69 17.04 3.78 16.87
CA ARG B 69 15.84 3.44 16.11
C ARG B 69 14.84 2.73 17.01
N VAL B 70 13.56 3.00 16.78
CA VAL B 70 12.46 2.37 17.51
C VAL B 70 11.51 1.76 16.48
N ASP B 71 11.27 0.46 16.58
CA ASP B 71 10.34 -0.22 15.69
C ASP B 71 9.87 -1.49 16.39
N GLY B 72 9.30 -2.41 15.61
CA GLY B 72 8.81 -3.66 16.14
C GLY B 72 9.35 -4.84 15.36
N VAL B 73 9.45 -5.97 16.06
CA VAL B 73 9.91 -7.21 15.46
C VAL B 73 9.12 -8.36 16.09
N ARG B 74 8.84 -9.38 15.29
CA ARG B 74 8.05 -10.52 15.75
C ARG B 74 8.90 -11.59 16.43
N GLU B 75 10.21 -11.54 16.29
CA GLU B 75 11.07 -12.54 16.93
C GLU B 75 11.01 -12.40 18.44
N LYS B 76 10.73 -13.51 19.13
CA LYS B 76 10.55 -13.47 20.57
C LYS B 76 11.85 -13.19 21.31
N SER B 77 12.99 -13.59 20.73
CA SER B 77 14.28 -13.53 21.41
C SER B 77 15.21 -12.51 20.76
N ASP B 78 14.70 -11.35 20.41
CA ASP B 78 15.55 -10.27 19.93
C ASP B 78 16.20 -9.58 21.13
N PRO B 79 17.52 -9.34 21.10
CA PRO B 79 18.17 -8.74 22.28
C PRO B 79 17.73 -7.32 22.58
N HIS B 80 17.18 -6.61 21.61
CA HIS B 80 16.84 -5.20 21.78
C HIS B 80 15.36 -4.97 22.13
N ILE B 81 14.62 -6.04 22.43
CA ILE B 81 13.23 -5.89 22.87
C ILE B 81 13.09 -6.02 24.38
N LYS B 82 14.20 -6.26 25.10
CA LYS B 82 14.18 -6.34 26.55
C LYS B 82 14.14 -4.92 27.11
N LEU B 83 13.02 -4.55 27.74
CA LEU B 83 12.80 -3.20 28.20
C LEU B 83 12.67 -3.17 29.72
N GLN B 84 13.00 -2.02 30.31
CA GLN B 84 12.90 -1.81 31.74
C GLN B 84 12.01 -0.60 31.99
N LEU B 85 10.88 -0.82 32.67
CA LEU B 85 9.89 0.22 32.91
C LEU B 85 10.15 0.83 34.28
N GLN B 86 10.78 2.01 34.29
CA GLN B 86 11.06 2.73 35.52
C GLN B 86 9.86 3.59 35.89
N ALA B 87 9.45 3.53 37.16
CA ALA B 87 8.32 4.31 37.64
C ALA B 87 8.80 5.67 38.12
N GLU B 88 8.20 6.73 37.58
CA GLU B 88 8.53 8.09 38.00
C GLU B 88 7.50 8.59 39.01
N GLU B 89 6.71 9.59 38.64
CA GLU B 89 5.60 10.00 39.48
C GLU B 89 4.44 9.02 39.29
N ARG B 90 3.36 9.25 40.03
CA ARG B 90 2.22 8.34 40.00
C ARG B 90 1.57 8.36 38.63
N GLY B 91 1.61 7.22 37.93
CA GLY B 91 0.98 7.08 36.64
C GLY B 91 1.89 7.34 35.45
N VAL B 92 3.16 7.66 35.68
CA VAL B 92 4.11 7.97 34.61
C VAL B 92 5.27 7.00 34.71
N VAL B 93 5.68 6.45 33.57
CA VAL B 93 6.76 5.48 33.50
C VAL B 93 7.78 5.93 32.45
N SER B 94 8.95 5.30 32.49
CA SER B 94 9.99 5.49 31.50
C SER B 94 10.41 4.14 30.96
N ILE B 95 10.66 4.07 29.65
CA ILE B 95 10.99 2.83 28.97
C ILE B 95 12.44 2.90 28.53
N LYS B 96 13.27 1.99 29.06
CA LYS B 96 14.69 1.95 28.77
C LYS B 96 15.03 0.65 28.04
N GLY B 97 15.74 0.77 26.93
CA GLY B 97 16.23 -0.39 26.21
C GLY B 97 17.48 -0.95 26.86
N VAL B 98 17.41 -2.21 27.33
CA VAL B 98 18.51 -2.79 28.08
C VAL B 98 19.75 -2.93 27.21
N SER B 99 19.64 -3.70 26.13
CA SER B 99 20.79 -3.94 25.27
C SER B 99 21.27 -2.68 24.56
N ALA B 100 20.41 -1.67 24.43
CA ALA B 100 20.79 -0.44 23.77
C ALA B 100 21.22 0.68 24.71
N ASN B 101 20.86 0.57 26.00
CA ASN B 101 21.18 1.60 26.99
C ASN B 101 20.64 2.96 26.56
N ARG B 102 19.41 2.96 26.02
CA ARG B 102 18.77 4.17 25.55
C ARG B 102 17.32 4.21 26.04
N TYR B 103 16.80 5.41 26.18
CA TYR B 103 15.45 5.62 26.70
C TYR B 103 14.52 6.03 25.57
N LEU B 104 13.34 5.42 25.55
CA LEU B 104 12.35 5.72 24.52
C LEU B 104 11.85 7.16 24.66
N ALA B 105 11.71 7.85 23.53
CA ALA B 105 11.28 9.24 23.54
C ALA B 105 10.45 9.52 22.29
N MET B 106 9.71 10.63 22.35
CA MET B 106 8.89 11.11 21.25
C MET B 106 9.13 12.61 21.10
N LYS B 107 9.62 13.03 19.94
CA LYS B 107 10.06 14.40 19.76
C LYS B 107 8.92 15.27 19.25
N GLU B 108 9.25 16.40 18.61
CA GLU B 108 8.26 17.43 18.31
C GLU B 108 7.21 16.95 17.32
N ASP B 109 7.63 16.18 16.30
CA ASP B 109 6.74 15.76 15.24
C ASP B 109 6.26 14.32 15.41
N GLY B 110 6.10 13.87 16.65
CA GLY B 110 5.52 12.56 16.92
C GLY B 110 6.34 11.39 16.48
N ARG B 111 7.61 11.58 16.17
CA ARG B 111 8.49 10.48 15.80
C ARG B 111 9.15 9.89 17.03
N LEU B 112 9.37 8.57 17.00
CA LEU B 112 9.93 7.84 18.13
C LEU B 112 11.43 7.62 17.89
N LEU B 113 12.24 8.10 18.83
CA LEU B 113 13.67 7.86 18.83
C LEU B 113 14.09 7.35 20.21
N ALA B 114 15.36 6.96 20.32
CA ALA B 114 15.92 6.45 21.56
C ALA B 114 17.17 7.25 21.90
N SER B 115 17.03 8.18 22.84
CA SER B 115 18.15 9.00 23.28
C SER B 115 18.92 8.28 24.38
N LYS B 116 20.21 8.61 24.49
CA LYS B 116 21.06 7.98 25.49
C LYS B 116 20.85 8.53 26.88
N SER B 117 20.23 9.70 27.01
CA SER B 117 19.99 10.34 28.29
C SER B 117 18.50 10.63 28.45
N VAL B 118 18.03 10.59 29.70
CA VAL B 118 16.64 10.89 29.99
C VAL B 118 16.37 12.36 29.78
N THR B 119 15.38 12.67 28.95
CA THR B 119 15.02 14.05 28.62
C THR B 119 13.58 14.32 29.02
N ASP B 120 13.07 15.48 28.62
CA ASP B 120 11.68 15.82 28.87
C ASP B 120 10.73 14.91 28.11
N GLU B 121 11.17 14.40 26.95
CA GLU B 121 10.34 13.61 26.06
C GLU B 121 10.37 12.12 26.36
N CYS B 122 10.91 11.71 27.52
CA CYS B 122 11.07 10.31 27.85
C CYS B 122 10.09 9.83 28.92
N PHE B 123 9.05 10.61 29.22
CA PHE B 123 8.06 10.25 30.23
C PHE B 123 6.71 10.06 29.57
N PHE B 124 6.01 8.98 29.96
CA PHE B 124 4.75 8.62 29.33
C PHE B 124 3.74 8.22 30.39
N PHE B 125 2.48 8.60 30.17
CA PHE B 125 1.38 8.17 31.03
C PHE B 125 1.03 6.72 30.72
N GLU B 126 1.12 5.86 31.72
CA GLU B 126 0.76 4.45 31.59
C GLU B 126 -0.65 4.25 32.10
N ARG B 127 -1.55 3.83 31.21
CA ARG B 127 -2.93 3.55 31.57
C ARG B 127 -3.25 2.09 31.27
N LEU B 128 -3.79 1.39 32.26
CA LEU B 128 -4.12 -0.02 32.11
C LEU B 128 -5.47 -0.15 31.39
N GLU B 129 -5.51 -1.02 30.39
CA GLU B 129 -6.71 -1.22 29.58
C GLU B 129 -7.08 -2.71 29.62
N SER B 130 -7.90 -3.13 28.68
CA SER B 130 -8.30 -4.52 28.53
C SER B 130 -7.67 -5.07 27.26
N ASN B 131 -6.98 -6.21 27.38
CA ASN B 131 -6.82 -6.91 28.65
C ASN B 131 -5.34 -7.14 28.96
N ASN B 132 -4.88 -6.57 30.08
CA ASN B 132 -3.47 -6.52 30.43
C ASN B 132 -2.68 -5.71 29.41
N TYR B 133 -3.38 -5.12 28.44
CA TYR B 133 -2.78 -4.21 27.48
C TYR B 133 -2.77 -2.80 28.05
N ASN B 134 -1.68 -2.08 27.81
CA ASN B 134 -1.51 -0.73 28.34
C ASN B 134 -1.28 0.24 27.18
N THR B 135 -1.61 1.51 27.43
CA THR B 135 -1.34 2.59 26.51
C THR B 135 -0.36 3.57 27.14
N TYR B 136 0.55 4.09 26.33
CA TYR B 136 1.61 4.99 26.80
C TYR B 136 1.47 6.31 26.07
N ARG B 137 1.00 7.33 26.78
CA ARG B 137 0.72 8.64 26.22
C ARG B 137 1.81 9.61 26.66
N SER B 138 2.37 10.34 25.69
CA SER B 138 3.49 11.24 25.97
C SER B 138 3.10 12.29 27.01
N ARG B 139 3.99 12.51 27.98
CA ARG B 139 3.70 13.47 29.04
C ARG B 139 3.85 14.90 28.54
N LYS B 140 4.76 15.14 27.61
CA LYS B 140 4.94 16.49 27.07
C LYS B 140 3.90 16.80 25.99
N TYR B 141 3.70 15.86 25.06
CA TYR B 141 2.69 15.98 24.02
C TYR B 141 1.54 15.07 24.41
N THR B 142 0.59 15.61 25.17
CA THR B 142 -0.41 14.83 25.89
C THR B 142 -1.52 14.27 25.01
N SER B 143 -1.39 14.33 23.69
CA SER B 143 -2.39 13.77 22.80
C SER B 143 -1.84 12.69 21.88
N TRP B 144 -0.56 12.36 21.98
CA TRP B 144 0.09 11.41 21.08
C TRP B 144 0.52 10.19 21.88
N TYR B 145 0.25 9.00 21.34
CA TYR B 145 0.56 7.75 22.00
C TYR B 145 1.71 7.05 21.29
N VAL B 146 2.43 6.22 22.05
CA VAL B 146 3.42 5.32 21.45
C VAL B 146 2.67 4.23 20.71
N ALA B 147 3.02 4.02 19.44
CA ALA B 147 2.29 3.07 18.62
C ALA B 147 3.20 2.49 17.55
N LEU B 148 2.94 1.23 17.20
CA LEU B 148 3.60 0.54 16.10
C LEU B 148 2.56 0.23 15.03
N LYS B 149 2.97 0.35 13.77
CA LYS B 149 2.06 0.12 12.66
C LYS B 149 2.06 -1.35 12.25
N ARG B 150 1.19 -1.69 11.30
CA ARG B 150 1.17 -3.05 10.76
C ARG B 150 2.46 -3.38 10.02
N THR B 151 3.11 -2.37 9.45
CA THR B 151 4.37 -2.60 8.75
C THR B 151 5.53 -2.88 9.69
N GLY B 152 5.38 -2.56 10.98
CA GLY B 152 6.44 -2.73 11.96
C GLY B 152 7.10 -1.44 12.40
N GLN B 153 6.98 -0.37 11.61
CA GLN B 153 7.56 0.90 11.99
C GLN B 153 6.77 1.53 13.13
N TYR B 154 7.33 2.59 13.70
CA TYR B 154 6.60 3.38 14.68
C TYR B 154 5.55 4.23 13.97
N LYS B 155 4.41 4.40 14.64
CA LYS B 155 3.35 5.24 14.10
C LYS B 155 3.55 6.68 14.58
N LEU B 156 3.45 7.63 13.66
CA LEU B 156 3.60 9.03 14.00
C LEU B 156 2.59 9.42 15.06
N GLY B 157 3.07 10.08 16.12
CA GLY B 157 2.18 10.45 17.22
C GLY B 157 1.03 11.33 16.79
N SER B 158 1.24 12.19 15.80
CA SER B 158 0.19 13.05 15.28
C SER B 158 -0.93 12.28 14.59
N LYS B 159 -0.75 10.96 14.37
CA LYS B 159 -1.78 10.12 13.77
C LYS B 159 -2.22 9.01 14.70
N THR B 160 -2.02 9.18 16.01
CA THR B 160 -2.46 8.21 17.00
C THR B 160 -3.58 8.82 17.85
N GLY B 161 -4.44 7.94 18.37
CA GLY B 161 -5.54 8.37 19.19
C GLY B 161 -6.08 7.25 20.06
N PRO B 162 -6.94 7.60 21.00
CA PRO B 162 -7.53 6.56 21.88
C PRO B 162 -8.39 5.61 21.09
N GLY B 163 -8.36 4.33 21.49
CA GLY B 163 -9.15 3.31 20.83
C GLY B 163 -8.55 2.75 19.57
N GLN B 164 -7.23 2.86 19.40
CA GLN B 164 -6.56 2.29 18.25
C GLN B 164 -5.89 0.97 18.63
N LYS B 165 -5.83 0.06 17.66
CA LYS B 165 -5.15 -1.21 17.86
C LYS B 165 -3.63 -1.03 17.96
N ALA B 166 -3.10 0.10 17.49
CA ALA B 166 -1.66 0.31 17.45
C ALA B 166 -1.09 0.81 18.77
N ILE B 167 -1.92 1.34 19.67
CA ILE B 167 -1.45 1.93 20.91
C ILE B 167 -1.53 0.98 22.08
N LEU B 168 -1.99 -0.26 21.86
CA LEU B 168 -2.17 -1.23 22.93
C LEU B 168 -0.95 -2.13 23.01
N PHE B 169 -0.27 -2.11 24.16
CA PHE B 169 0.93 -2.90 24.39
C PHE B 169 0.75 -3.78 25.61
N LEU B 170 1.23 -5.03 25.53
CA LEU B 170 1.06 -6.01 26.57
C LEU B 170 2.41 -6.31 27.23
N PRO B 171 2.60 -6.01 28.51
CA PRO B 171 3.84 -6.40 29.19
C PRO B 171 3.93 -7.92 29.32
N MET B 172 5.06 -8.47 28.94
CA MET B 172 5.28 -9.91 28.95
C MET B 172 6.52 -10.23 29.78
N SER B 173 6.56 -11.46 30.30
CA SER B 173 7.65 -11.89 31.15
C SER B 173 8.91 -12.14 30.33
N ALA B 174 9.96 -12.56 31.02
CA ALA B 174 11.26 -12.87 30.41
C ALA B 174 11.84 -11.69 29.62
#